data_2YNP
#
_entry.id   2YNP
#
_cell.length_a   127.250
_cell.length_b   127.250
_cell.length_c   59.060
_cell.angle_alpha   90.00
_cell.angle_beta   90.00
_cell.angle_gamma   120.00
#
_symmetry.space_group_name_H-M   'P 31'
#
loop_
_entity.id
_entity.type
_entity.pdbx_description
1 polymer "COATOMER SUBUNIT BETA'"
2 polymer 'KTKTN MOTIF'
3 water water
#
loop_
_entity_poly.entity_id
_entity_poly.type
_entity_poly.pdbx_seq_one_letter_code
_entity_poly.pdbx_strand_id
1 'polypeptide(L)'
;MKLDIKKTFSNRSDRVKGIDFHPTEPWVLTTLYSGRVELWNYETQVEVRSIQVTETPVRAGKFIARKNWIIVGSDDFRIR
VFNYNTGEKVVDFEAHPDYIRSIAVHPTKPYVLSGSDDLTVKLWNWENNWALEQTFEGHEHFVMCVAFNPKDPSTFASGC
LDRTVKVWSLGQSTPNFTLTTGQERGVNYVDYYPLPDKPYMITASDDLTIKIWDYQTKSCVATLEGHMSNVSFAVFHPTL
PIIISGSEDGTLKIWNSSTYKVEKTLNVGLERSWCIATHPTGRKNYIASGFDNGFTVLSLGNDEPTLSLDPVGKLVWSGG
KNAAASDIFTAVIRGNEEVEQDEPLSLQTKELGSVDVFPQSLAHSPNGRFVTVVGDGEYVIYTALAWRNKAFGKCQDFVW
GPDSNSYALIDETGQIKYYKNFKEVTSWSVPMHSAIDRLFSGALLGVKSDGFVYFFDWDNGTLVRRIDVNAKDVIWSDNG
ELVMIVNTNSNGDEASGYTLLFNKDAYLEAANNGNIDDSEGVDEAFDVLYELSESITSGKWVGDVFIFTTATNRLNYFVG
GKTYNLAHYTKEMYLLGYLARDNKVYLADREVHVYGYEISLEVL
;
A
2 'polypeptide(L)' CTFKTKTN P
#
# COMPACT_ATOMS: atom_id res chain seq x y z
N MET A 1 -1.71 13.18 -1.38
CA MET A 1 -2.44 11.93 -1.16
C MET A 1 -3.79 12.14 -0.47
N LYS A 2 -4.68 11.16 -0.56
CA LYS A 2 -5.86 11.11 0.29
C LYS A 2 -5.92 9.78 1.00
N LEU A 3 -5.29 9.77 2.17
CA LEU A 3 -5.28 8.67 3.12
C LEU A 3 -6.66 8.20 3.51
N ASP A 4 -6.72 6.97 3.97
CA ASP A 4 -7.96 6.39 4.41
C ASP A 4 -7.69 5.43 5.54
N ILE A 5 -8.39 5.64 6.64
CA ILE A 5 -8.16 4.83 7.82
C ILE A 5 -9.33 3.93 8.19
N LYS A 6 -9.03 2.65 8.30
CA LYS A 6 -10.00 1.66 8.72
C LYS A 6 -9.59 1.18 10.12
N LYS A 7 -10.57 1.12 11.01
CA LYS A 7 -10.36 0.69 12.39
C LYS A 7 -10.47 -0.85 12.55
N THR A 8 -9.36 -1.54 12.30
CA THR A 8 -9.29 -3.01 12.44
C THR A 8 -9.77 -3.60 13.79
N PHE A 9 -9.07 -3.29 14.87
CA PHE A 9 -9.45 -3.82 16.20
C PHE A 9 -9.20 -2.84 17.36
N SER A 10 -10.17 -2.70 18.25
CA SER A 10 -10.03 -1.75 19.35
C SER A 10 -10.33 -2.47 20.64
N ASN A 11 -9.52 -2.19 21.65
CA ASN A 11 -9.71 -2.88 22.92
C ASN A 11 -9.61 -1.87 24.08
N ARG A 12 -10.62 -1.80 24.91
CA ARG A 12 -10.57 -0.93 26.08
C ARG A 12 -9.85 -1.69 27.18
N SER A 13 -8.84 -1.04 27.75
CA SER A 13 -7.87 -1.71 28.61
C SER A 13 -7.23 -0.65 29.49
N ASP A 14 -6.49 -1.10 30.49
CA ASP A 14 -5.74 -0.17 31.31
C ASP A 14 -4.70 0.51 30.46
N ARG A 15 -4.01 1.46 31.04
CA ARG A 15 -3.03 2.26 30.30
C ARG A 15 -2.04 1.38 29.53
N VAL A 16 -2.05 1.57 28.22
CA VAL A 16 -1.14 0.82 27.34
C VAL A 16 0.14 1.60 27.11
N LYS A 17 1.24 1.13 27.69
CA LYS A 17 2.57 1.76 27.57
C LYS A 17 3.42 1.16 26.43
N GLY A 18 3.56 -0.16 26.39
CA GLY A 18 4.31 -0.79 25.30
C GLY A 18 3.37 -1.39 24.29
N ILE A 19 3.84 -1.54 23.05
CA ILE A 19 3.04 -2.05 21.92
C ILE A 19 3.89 -2.51 20.71
N ASP A 20 3.68 -3.75 20.29
CA ASP A 20 4.51 -4.29 19.20
C ASP A 20 3.75 -5.22 18.26
N PHE A 21 4.07 -5.17 16.97
CA PHE A 21 3.49 -6.09 15.98
C PHE A 21 4.29 -7.40 15.82
N HIS A 22 3.61 -8.54 15.76
CA HIS A 22 4.26 -9.76 15.29
C HIS A 22 4.32 -9.62 13.77
N PRO A 23 5.41 -10.13 13.13
CA PRO A 23 5.63 -9.97 11.69
C PRO A 23 4.99 -11.05 10.81
N THR A 24 4.70 -12.22 11.35
CA THR A 24 4.08 -13.27 10.54
C THR A 24 2.67 -13.56 11.03
N GLU A 25 2.52 -13.51 12.34
CA GLU A 25 1.23 -13.78 12.95
C GLU A 25 0.49 -12.45 13.23
N PRO A 26 -0.82 -12.42 12.97
CA PRO A 26 -1.59 -11.18 13.15
C PRO A 26 -1.84 -10.87 14.65
N TRP A 27 -0.74 -10.66 15.36
CA TRP A 27 -0.78 -10.47 16.80
C TRP A 27 -0.17 -9.14 17.15
N VAL A 28 -0.88 -8.39 17.98
CA VAL A 28 -0.35 -7.19 18.64
C VAL A 28 -0.06 -7.59 20.07
N LEU A 29 1.08 -7.15 20.60
CA LEU A 29 1.42 -7.32 22.00
C LEU A 29 1.33 -5.98 22.72
N THR A 30 0.82 -6.00 23.96
CA THR A 30 0.65 -4.76 24.76
C THR A 30 1.15 -4.90 26.19
N THR A 31 1.97 -3.93 26.61
CA THR A 31 2.43 -3.86 28.00
C THR A 31 1.73 -2.71 28.75
N LEU A 32 1.14 -3.02 29.89
CA LEU A 32 0.23 -2.12 30.60
C LEU A 32 0.82 -1.37 31.81
N TYR A 33 0.19 -0.25 32.19
CA TYR A 33 0.55 0.47 33.43
C TYR A 33 0.29 -0.42 34.65
N SER A 34 -0.48 -1.49 34.42
CA SER A 34 -0.94 -2.44 35.45
C SER A 34 0.01 -3.59 35.75
N GLY A 35 1.16 -3.63 35.10
CA GLY A 35 2.06 -4.77 35.19
C GLY A 35 1.50 -6.06 34.62
N ARG A 36 0.72 -5.90 33.56
CA ARG A 36 0.05 -7.00 32.92
C ARG A 36 0.44 -6.89 31.47
N VAL A 37 0.57 -8.01 30.78
CA VAL A 37 0.85 -7.96 29.36
C VAL A 37 -0.22 -8.77 28.64
N GLU A 38 -0.53 -8.35 27.42
CA GLU A 38 -1.58 -8.97 26.65
C GLU A 38 -1.11 -9.28 25.26
N LEU A 39 -1.64 -10.38 24.71
CA LEU A 39 -1.45 -10.70 23.30
C LEU A 39 -2.83 -10.82 22.63
N TRP A 40 -3.00 -10.06 21.55
CA TRP A 40 -4.26 -10.08 20.83
C TRP A 40 -4.08 -10.50 19.38
N ASN A 41 -4.95 -11.37 18.91
CA ASN A 41 -5.11 -11.52 17.48
C ASN A 41 -6.03 -10.42 17.01
N TYR A 42 -5.45 -9.30 16.55
CA TYR A 42 -6.27 -8.18 16.09
C TYR A 42 -7.16 -8.54 14.90
N GLU A 43 -6.80 -9.58 14.14
CA GLU A 43 -7.58 -9.95 12.95
C GLU A 43 -8.83 -10.81 13.19
N THR A 44 -8.77 -11.72 14.16
CA THR A 44 -9.95 -12.45 14.65
C THR A 44 -10.44 -11.89 15.97
N GLN A 45 -9.85 -10.78 16.40
CA GLN A 45 -10.30 -10.03 17.58
C GLN A 45 -10.36 -10.89 18.84
N VAL A 46 -9.30 -11.67 19.04
CA VAL A 46 -9.25 -12.62 20.15
C VAL A 46 -8.00 -12.42 21.02
N GLU A 47 -8.18 -12.52 22.33
CA GLU A 47 -7.07 -12.50 23.25
C GLU A 47 -6.41 -13.88 23.21
N VAL A 48 -5.16 -13.94 22.77
CA VAL A 48 -4.47 -15.21 22.74
C VAL A 48 -4.03 -15.55 24.15
N ARG A 49 -2.88 -15.04 24.56
CA ARG A 49 -2.40 -15.24 25.92
C ARG A 49 -2.36 -13.90 26.68
N SER A 50 -2.39 -13.93 28.00
CA SER A 50 -2.17 -12.73 28.82
C SER A 50 -1.57 -13.06 30.18
N ILE A 51 -0.53 -12.33 30.54
CA ILE A 51 0.26 -12.63 31.72
C ILE A 51 0.17 -11.49 32.74
N GLN A 52 -0.04 -11.83 34.01
CA GLN A 52 0.15 -10.85 35.07
C GLN A 52 1.63 -10.83 35.45
N VAL A 53 2.41 -10.03 34.75
CA VAL A 53 3.86 -9.97 34.98
C VAL A 53 4.29 -9.33 36.32
N THR A 54 3.82 -8.12 36.60
CA THR A 54 4.29 -7.43 37.78
C THR A 54 3.21 -6.49 38.35
N GLU A 55 3.48 -5.90 39.50
CA GLU A 55 2.60 -4.89 40.04
C GLU A 55 2.93 -3.55 39.40
N THR A 56 4.12 -3.46 38.81
CA THR A 56 4.65 -2.19 38.35
C THR A 56 4.32 -2.02 36.86
N PRO A 57 4.20 -0.77 36.38
CA PRO A 57 3.93 -0.57 34.96
C PRO A 57 4.97 -1.30 34.13
N VAL A 58 4.57 -1.99 33.07
CA VAL A 58 5.56 -2.49 32.15
C VAL A 58 5.56 -1.58 30.95
N ARG A 59 6.69 -0.91 30.70
CA ARG A 59 6.78 0.15 29.70
C ARG A 59 7.32 -0.26 28.33
N ALA A 60 8.12 -1.32 28.30
CA ALA A 60 8.69 -1.75 27.03
C ALA A 60 8.40 -3.22 26.79
N GLY A 61 7.82 -3.51 25.62
CA GLY A 61 7.53 -4.86 25.18
C GLY A 61 7.83 -4.98 23.70
N LYS A 62 8.44 -6.10 23.30
CA LYS A 62 8.80 -6.33 21.88
C LYS A 62 8.76 -7.79 21.46
N PHE A 63 8.49 -8.06 20.19
CA PHE A 63 8.64 -9.44 19.69
C PHE A 63 10.07 -9.82 19.25
N ILE A 64 10.59 -10.89 19.84
CA ILE A 64 11.64 -11.67 19.18
C ILE A 64 10.95 -12.92 18.63
N ALA A 65 10.39 -12.77 17.45
CA ALA A 65 9.63 -13.84 16.84
C ALA A 65 10.54 -15.01 16.55
N ARG A 66 11.73 -14.73 16.02
CA ARG A 66 12.62 -15.78 15.56
C ARG A 66 12.93 -16.81 16.64
N LYS A 67 12.98 -16.39 17.89
CA LYS A 67 13.14 -17.36 18.96
C LYS A 67 11.82 -17.59 19.70
N ASN A 68 10.72 -17.21 19.05
CA ASN A 68 9.37 -17.37 19.60
C ASN A 68 9.21 -16.84 21.04
N TRP A 69 9.67 -15.60 21.23
CA TRP A 69 9.74 -14.97 22.54
C TRP A 69 9.05 -13.61 22.56
N ILE A 70 8.48 -13.25 23.72
CA ILE A 70 8.24 -11.84 24.05
C ILE A 70 9.23 -11.34 25.08
N ILE A 71 9.62 -10.08 24.94
CA ILE A 71 10.52 -9.48 25.90
C ILE A 71 9.90 -8.19 26.45
N VAL A 72 9.90 -8.06 27.79
CA VAL A 72 9.27 -6.91 28.46
C VAL A 72 10.04 -6.34 29.67
N GLY A 73 10.04 -5.01 29.77
CA GLY A 73 10.76 -4.29 30.81
C GLY A 73 9.85 -3.44 31.69
N SER A 74 10.04 -3.51 33.02
CA SER A 74 9.20 -2.77 33.96
C SER A 74 9.87 -1.73 34.91
N ASP A 75 9.17 -1.46 35.99
CA ASP A 75 9.44 -0.32 36.85
C ASP A 75 10.07 -0.88 38.10
N ASP A 76 10.05 -2.21 38.18
CA ASP A 76 10.76 -2.97 39.19
C ASP A 76 12.16 -3.30 38.73
N PHE A 77 12.71 -2.51 37.81
CA PHE A 77 14.11 -2.61 37.41
C PHE A 77 14.40 -3.84 36.51
N ARG A 78 13.35 -4.59 36.15
CA ARG A 78 13.54 -5.94 35.59
C ARG A 78 13.35 -6.13 34.09
N ILE A 79 13.97 -7.19 33.56
CA ILE A 79 13.71 -7.66 32.19
C ILE A 79 13.26 -9.11 32.19
N ARG A 80 12.16 -9.40 31.49
CA ARG A 80 11.56 -10.74 31.51
C ARG A 80 11.22 -11.23 30.11
N VAL A 81 11.63 -12.45 29.82
CA VAL A 81 11.33 -13.06 28.54
C VAL A 81 10.35 -14.21 28.77
N PHE A 82 9.51 -14.46 27.76
CA PHE A 82 8.54 -15.53 27.84
C PHE A 82 8.44 -16.21 26.48
N ASN A 83 8.14 -17.50 26.47
CA ASN A 83 7.81 -18.16 25.23
C ASN A 83 6.29 -18.09 25.12
N TYR A 84 5.79 -17.58 24.00
CA TYR A 84 4.35 -17.32 23.83
C TYR A 84 3.59 -18.52 23.28
N ASN A 85 4.31 -19.45 22.67
CA ASN A 85 3.74 -20.74 22.36
C ASN A 85 3.35 -21.46 23.66
N THR A 86 4.19 -21.31 24.69
CA THR A 86 4.00 -22.00 25.98
C THR A 86 3.62 -21.11 27.19
N GLY A 87 3.94 -19.82 27.14
CA GLY A 87 3.64 -18.95 28.27
C GLY A 87 4.62 -19.15 29.41
N GLU A 88 5.82 -19.58 29.05
CA GLU A 88 6.81 -20.05 30.01
C GLU A 88 7.93 -19.04 30.21
N LYS A 89 8.06 -18.51 31.42
CA LYS A 89 9.11 -17.55 31.74
C LYS A 89 10.52 -18.08 31.44
N VAL A 90 11.01 -17.71 30.26
CA VAL A 90 12.39 -17.94 29.88
C VAL A 90 13.40 -17.26 30.85
N VAL A 91 13.45 -15.93 30.89
CA VAL A 91 14.38 -15.22 31.80
C VAL A 91 13.72 -14.11 32.64
N ASP A 92 14.35 -13.75 33.74
CA ASP A 92 13.84 -12.69 34.64
C ASP A 92 15.01 -12.13 35.44
N PHE A 93 15.54 -10.97 35.07
CA PHE A 93 16.63 -10.35 35.87
C PHE A 93 16.46 -8.88 36.19
N GLU A 94 17.41 -8.31 36.93
CA GLU A 94 17.48 -6.87 37.16
C GLU A 94 18.45 -6.22 36.17
N ALA A 95 17.95 -5.33 35.32
CA ALA A 95 18.77 -4.76 34.24
C ALA A 95 19.29 -3.35 34.53
N HIS A 96 18.53 -2.57 35.29
CA HIS A 96 18.98 -1.25 35.73
C HIS A 96 18.50 -0.98 37.18
N PRO A 97 19.29 -0.25 37.98
CA PRO A 97 18.80 0.22 39.29
C PRO A 97 17.70 1.30 39.18
N ASP A 98 17.07 1.41 38.01
CA ASP A 98 15.99 2.35 37.82
C ASP A 98 14.99 1.82 36.81
N TYR A 99 13.98 2.63 36.50
CA TYR A 99 12.97 2.30 35.53
C TYR A 99 13.60 1.93 34.19
N ILE A 100 12.96 1.01 33.47
CA ILE A 100 13.36 0.72 32.10
C ILE A 100 12.33 1.33 31.15
N ARG A 101 12.78 2.18 30.24
CA ARG A 101 11.88 3.00 29.41
C ARG A 101 11.56 2.37 28.06
N SER A 102 12.56 1.73 27.45
CA SER A 102 12.53 1.38 26.02
C SER A 102 13.43 0.19 25.69
N ILE A 103 12.99 -0.65 24.75
CA ILE A 103 13.80 -1.79 24.32
C ILE A 103 13.92 -1.83 22.81
N ALA A 104 15.10 -2.20 22.31
CA ALA A 104 15.30 -2.48 20.87
C ALA A 104 15.90 -3.88 20.62
N VAL A 105 15.37 -4.61 19.64
CA VAL A 105 15.89 -5.94 19.28
C VAL A 105 16.64 -5.98 17.93
N HIS A 106 17.89 -6.45 18.00
CA HIS A 106 18.79 -6.54 16.85
C HIS A 106 18.19 -7.45 15.79
N PRO A 107 18.19 -7.00 14.53
CA PRO A 107 17.49 -7.71 13.45
C PRO A 107 17.96 -9.14 13.29
N THR A 108 19.23 -9.39 13.59
CA THR A 108 19.88 -10.64 13.22
C THR A 108 20.70 -11.24 14.37
N LYS A 109 21.52 -10.39 14.98
CA LYS A 109 22.39 -10.83 16.07
C LYS A 109 21.62 -11.00 17.37
N PRO A 110 22.02 -11.97 18.22
CA PRO A 110 21.35 -12.19 19.51
C PRO A 110 21.45 -11.02 20.49
N TYR A 111 21.22 -9.81 19.99
CA TYR A 111 21.48 -8.59 20.74
C TYR A 111 20.20 -7.84 21.12
N VAL A 112 20.10 -7.49 22.39
CA VAL A 112 18.94 -6.77 22.93
C VAL A 112 19.31 -5.49 23.69
N LEU A 113 18.69 -4.37 23.28
CA LEU A 113 18.96 -3.05 23.89
C LEU A 113 17.94 -2.64 24.94
N SER A 114 18.42 -2.04 26.03
CA SER A 114 17.50 -1.45 27.00
C SER A 114 17.97 -0.04 27.41
N GLY A 115 17.04 0.92 27.45
CA GLY A 115 17.34 2.27 27.87
C GLY A 115 16.76 2.57 29.24
N SER A 116 17.45 3.36 30.06
CA SER A 116 17.01 3.59 31.45
C SER A 116 17.08 5.00 32.06
N ASP A 117 16.41 5.12 33.20
CA ASP A 117 16.37 6.36 33.94
C ASP A 117 17.66 6.40 34.75
N ASP A 118 18.35 5.26 34.80
CA ASP A 118 19.70 5.16 35.35
C ASP A 118 20.74 5.90 34.50
N LEU A 119 20.27 6.68 33.52
CA LEU A 119 21.09 7.46 32.61
C LEU A 119 21.77 6.67 31.49
N THR A 120 21.69 5.34 31.53
CA THR A 120 22.49 4.52 30.62
C THR A 120 21.69 3.71 29.59
N VAL A 121 22.34 3.24 28.53
CA VAL A 121 21.77 2.17 27.70
C VAL A 121 22.58 0.91 27.98
N LYS A 122 22.06 -0.26 27.59
CA LYS A 122 22.76 -1.52 27.86
C LYS A 122 22.43 -2.59 26.84
N LEU A 123 23.47 -3.35 26.54
CA LEU A 123 23.47 -4.45 25.58
C LEU A 123 23.37 -5.81 26.28
N TRP A 124 22.55 -6.70 25.73
CA TRP A 124 22.34 -8.02 26.35
C TRP A 124 22.36 -9.14 25.30
N ASN A 125 23.15 -10.20 25.58
CA ASN A 125 23.27 -11.33 24.67
C ASN A 125 22.54 -12.54 25.17
N TRP A 126 21.54 -13.00 24.44
CA TRP A 126 20.68 -14.06 24.94
C TRP A 126 21.26 -15.48 24.78
N GLU A 127 21.97 -15.72 23.69
CA GLU A 127 22.51 -17.06 23.40
C GLU A 127 23.88 -17.20 24.05
N ASN A 128 24.19 -16.29 24.96
CA ASN A 128 25.34 -16.40 25.85
C ASN A 128 24.79 -16.14 27.24
N ASN A 129 23.54 -16.53 27.44
CA ASN A 129 22.89 -16.45 28.74
C ASN A 129 22.80 -15.02 29.28
N TRP A 130 22.27 -14.11 28.46
CA TRP A 130 21.79 -12.79 28.92
C TRP A 130 22.79 -11.92 29.67
N ALA A 131 24.06 -12.28 29.54
CA ALA A 131 25.14 -11.53 30.18
C ALA A 131 25.14 -10.10 29.63
N LEU A 132 25.41 -9.13 30.48
CA LEU A 132 25.50 -7.74 30.06
C LEU A 132 26.82 -7.50 29.32
N GLU A 133 26.74 -7.32 28.00
CA GLU A 133 27.95 -7.19 27.19
C GLU A 133 28.57 -5.78 27.20
N GLN A 134 27.75 -4.73 27.02
CA GLN A 134 28.24 -3.35 27.10
C GLN A 134 27.24 -2.41 27.73
N THR A 135 27.74 -1.41 28.48
CA THR A 135 26.93 -0.38 29.15
C THR A 135 27.29 1.03 28.68
N PHE A 136 26.38 1.64 27.92
CA PHE A 136 26.61 2.95 27.30
C PHE A 136 26.27 4.11 28.22
N GLU A 137 27.29 4.89 28.55
CA GLU A 137 27.13 6.02 29.44
C GLU A 137 27.47 7.32 28.72
N GLY A 138 26.84 8.41 29.13
CA GLY A 138 27.04 9.68 28.47
C GLY A 138 25.88 10.62 28.71
N HIS A 139 24.68 10.06 28.65
CA HIS A 139 23.46 10.82 28.93
C HIS A 139 23.40 11.27 30.40
N GLU A 140 22.77 12.43 30.61
CA GLU A 140 22.78 13.07 31.91
C GLU A 140 21.36 13.18 32.47
N HIS A 141 20.55 12.16 32.21
CA HIS A 141 19.13 12.12 32.55
C HIS A 141 18.51 10.87 31.92
N PHE A 142 17.19 10.77 32.03
CA PHE A 142 16.39 9.61 31.60
C PHE A 142 16.55 9.29 30.11
N VAL A 143 16.84 8.02 29.82
CA VAL A 143 16.91 7.55 28.45
C VAL A 143 15.53 7.01 28.05
N MET A 144 14.78 7.78 27.27
CA MET A 144 13.37 7.46 26.96
C MET A 144 13.18 6.42 25.84
N CYS A 145 14.16 6.29 24.96
CA CYS A 145 13.89 5.54 23.74
C CYS A 145 15.13 5.10 23.01
N VAL A 146 15.21 3.80 22.72
CA VAL A 146 16.35 3.29 21.96
C VAL A 146 15.89 2.73 20.64
N ALA A 147 16.75 2.87 19.63
CA ALA A 147 16.44 2.54 18.25
C ALA A 147 17.68 2.11 17.44
N PHE A 148 17.63 0.89 16.90
CA PHE A 148 18.63 0.42 15.94
C PHE A 148 18.42 1.06 14.57
N ASN A 149 19.51 1.50 13.94
CA ASN A 149 19.45 1.86 12.52
C ASN A 149 19.17 0.62 11.71
N PRO A 150 18.02 0.59 11.04
CA PRO A 150 17.63 -0.60 10.28
C PRO A 150 18.63 -0.87 9.17
N LYS A 151 19.19 0.21 8.61
CA LYS A 151 20.20 0.11 7.57
C LYS A 151 21.60 -0.21 8.13
N ASP A 152 21.81 -0.05 9.42
CA ASP A 152 23.11 -0.39 9.98
C ASP A 152 23.08 -0.77 11.47
N PRO A 153 22.47 -1.92 11.79
CA PRO A 153 22.19 -2.37 13.16
C PRO A 153 23.40 -2.39 14.08
N SER A 154 24.57 -2.07 13.54
CA SER A 154 25.74 -1.90 14.40
C SER A 154 25.59 -0.60 15.20
N THR A 155 24.75 0.29 14.69
CA THR A 155 24.59 1.60 15.32
C THR A 155 23.17 1.82 15.85
N PHE A 156 23.04 2.71 16.82
CA PHE A 156 21.74 3.01 17.39
C PHE A 156 21.63 4.39 18.01
N ALA A 157 20.46 5.02 17.84
CA ALA A 157 20.16 6.28 18.47
C ALA A 157 19.63 6.02 19.87
N SER A 158 19.71 7.02 20.74
CA SER A 158 19.00 6.98 22.02
C SER A 158 18.43 8.38 22.37
N GLY A 159 17.12 8.47 22.51
CA GLY A 159 16.48 9.74 22.82
C GLY A 159 16.45 10.01 24.32
N CYS A 160 16.91 11.18 24.72
CA CYS A 160 17.08 11.45 26.13
C CYS A 160 16.47 12.79 26.51
N LEU A 161 15.94 12.86 27.74
CA LEU A 161 15.33 14.07 28.30
C LEU A 161 16.39 15.14 28.58
N ASP A 162 17.65 14.76 28.45
CA ASP A 162 18.74 15.70 28.66
C ASP A 162 18.90 16.59 27.42
N ARG A 163 18.00 16.40 26.45
CA ARG A 163 17.83 17.22 25.24
C ARG A 163 18.78 16.83 24.12
N THR A 164 19.23 15.58 24.17
CA THR A 164 20.15 15.06 23.16
C THR A 164 19.71 13.72 22.58
N VAL A 165 20.20 13.44 21.39
CA VAL A 165 20.21 12.08 20.88
C VAL A 165 21.71 11.68 20.74
N LYS A 166 22.03 10.42 21.00
CA LYS A 166 23.42 9.97 20.92
C LYS A 166 23.53 8.68 20.14
N VAL A 167 24.15 8.74 18.97
CA VAL A 167 24.37 7.54 18.17
C VAL A 167 25.71 6.89 18.45
N TRP A 168 25.66 5.60 18.78
CA TRP A 168 26.87 4.83 19.04
C TRP A 168 26.96 3.59 18.17
N SER A 169 28.20 3.20 17.87
CA SER A 169 28.46 1.92 17.24
C SER A 169 28.68 0.90 18.35
N LEU A 170 28.24 -0.33 18.12
CA LEU A 170 28.51 -1.42 19.04
C LEU A 170 30.02 -1.65 19.31
N GLY A 171 30.49 -1.22 20.49
CA GLY A 171 31.87 -1.41 20.85
C GLY A 171 32.53 -0.22 21.53
N GLN A 172 32.30 0.97 20.98
CA GLN A 172 32.89 2.19 21.53
C GLN A 172 32.13 2.64 22.76
N SER A 173 32.86 3.09 23.76
CA SER A 173 32.23 3.62 24.98
C SER A 173 31.71 5.04 24.73
N THR A 174 32.24 5.67 23.69
CA THR A 174 31.85 7.03 23.34
C THR A 174 30.98 7.04 22.08
N PRO A 175 30.13 8.06 21.96
CA PRO A 175 29.26 8.24 20.79
C PRO A 175 29.96 8.80 19.56
N ASN A 176 29.57 8.29 18.41
CA ASN A 176 30.05 8.80 17.12
C ASN A 176 29.81 10.31 17.01
N PHE A 177 28.65 10.74 17.47
CA PHE A 177 28.31 12.15 17.56
C PHE A 177 27.15 12.36 18.53
N THR A 178 26.88 13.61 18.88
CA THR A 178 25.80 13.89 19.80
C THR A 178 24.98 15.10 19.35
N LEU A 179 23.68 14.84 19.18
CA LEU A 179 22.74 15.78 18.59
C LEU A 179 21.92 16.53 19.62
N THR A 180 22.32 17.77 19.84
CA THR A 180 21.54 18.72 20.59
C THR A 180 20.26 19.00 19.84
N THR A 181 19.11 18.75 20.49
CA THR A 181 17.82 18.79 19.80
C THR A 181 17.14 20.15 19.79
N GLY A 182 17.50 21.01 20.76
CA GLY A 182 16.94 22.34 20.90
C GLY A 182 15.65 22.30 21.70
N GLN A 183 15.17 21.08 21.91
CA GLN A 183 13.86 20.82 22.52
C GLN A 183 13.97 20.86 24.05
N GLU A 184 13.93 22.08 24.57
CA GLU A 184 14.28 22.36 25.98
C GLU A 184 13.50 21.58 27.06
N ARG A 185 12.67 20.64 26.64
CA ARG A 185 11.96 19.84 27.63
C ARG A 185 12.39 18.37 27.52
N GLY A 186 13.10 18.06 26.43
CA GLY A 186 13.70 16.74 26.22
C GLY A 186 13.01 15.82 25.22
N VAL A 187 13.75 14.80 24.80
CA VAL A 187 13.32 13.86 23.76
C VAL A 187 12.66 12.61 24.32
N ASN A 188 11.48 12.27 23.82
CA ASN A 188 10.75 11.13 24.37
C ASN A 188 10.85 9.92 23.50
N TYR A 189 11.33 10.13 22.29
CA TYR A 189 11.24 9.10 21.31
C TYR A 189 12.08 9.46 20.10
N VAL A 190 12.69 8.43 19.52
CA VAL A 190 13.53 8.57 18.33
C VAL A 190 13.22 7.40 17.37
N ASP A 191 13.34 7.62 16.07
CA ASP A 191 12.97 6.58 15.10
C ASP A 191 13.83 6.72 13.85
N TYR A 192 14.24 5.61 13.24
CA TYR A 192 14.98 5.74 12.01
C TYR A 192 14.09 5.71 10.78
N TYR A 193 14.43 6.55 9.80
CA TYR A 193 13.82 6.46 8.48
C TYR A 193 14.44 5.26 7.77
N PRO A 194 13.59 4.32 7.36
CA PRO A 194 14.07 2.99 6.95
C PRO A 194 14.74 2.92 5.57
N LEU A 195 14.55 3.94 4.73
CA LEU A 195 14.93 3.84 3.30
C LEU A 195 16.30 4.44 3.00
N PRO A 196 16.98 3.91 1.97
CA PRO A 196 18.41 4.25 1.83
C PRO A 196 18.65 5.56 1.11
N ASP A 197 17.55 6.19 0.67
CA ASP A 197 17.60 7.43 -0.11
C ASP A 197 17.63 8.67 0.78
N LYS A 198 17.52 8.47 2.09
CA LYS A 198 17.61 9.55 3.07
C LYS A 198 18.17 9.09 4.41
N PRO A 199 19.22 9.75 4.89
CA PRO A 199 19.69 9.49 6.25
C PRO A 199 18.95 10.40 7.26
N TYR A 200 17.66 10.15 7.44
CA TYR A 200 16.87 10.97 8.34
C TYR A 200 16.51 10.26 9.65
N MET A 201 16.34 11.07 10.68
CA MET A 201 15.89 10.56 11.94
C MET A 201 14.78 11.48 12.36
N ILE A 202 14.27 11.25 13.56
CA ILE A 202 13.10 11.96 14.01
C ILE A 202 12.97 11.85 15.52
N THR A 203 12.51 12.93 16.12
CA THR A 203 12.37 13.05 17.58
C THR A 203 11.00 13.67 17.88
N ALA A 204 10.57 13.56 19.13
CA ALA A 204 9.27 14.03 19.54
C ALA A 204 9.39 14.47 20.99
N SER A 205 8.83 15.63 21.31
CA SER A 205 9.13 16.22 22.61
C SER A 205 7.92 16.54 23.47
N ASP A 206 8.16 16.79 24.74
CA ASP A 206 7.16 17.46 25.56
C ASP A 206 6.94 18.88 25.00
N ASP A 207 7.93 19.42 24.28
CA ASP A 207 7.91 20.81 23.83
C ASP A 207 6.97 21.05 22.64
N LEU A 208 6.06 20.10 22.45
CA LEU A 208 4.96 20.09 21.47
C LEU A 208 5.38 19.83 20.02
N THR A 209 6.68 19.88 19.78
CA THR A 209 7.26 19.74 18.45
C THR A 209 7.80 18.34 18.15
N ILE A 210 7.92 18.06 16.85
CA ILE A 210 8.56 16.87 16.29
C ILE A 210 9.74 17.33 15.45
N LYS A 211 10.88 16.65 15.47
CA LYS A 211 12.02 17.14 14.68
C LYS A 211 12.67 16.12 13.78
N ILE A 212 12.77 16.45 12.48
CA ILE A 212 13.46 15.57 11.53
C ILE A 212 14.95 15.95 11.41
N TRP A 213 15.84 14.97 11.58
CA TRP A 213 17.27 15.25 11.55
C TRP A 213 17.98 14.58 10.41
N ASP A 214 18.98 15.23 9.82
CA ASP A 214 19.91 14.54 8.94
C ASP A 214 21.06 14.12 9.84
N TYR A 215 21.35 12.83 9.89
CA TYR A 215 22.38 12.37 10.81
C TYR A 215 23.77 12.26 10.18
N GLN A 216 23.86 12.39 8.86
CA GLN A 216 25.17 12.56 8.24
C GLN A 216 25.59 13.98 8.52
N THR A 217 24.87 14.92 7.94
CA THR A 217 25.22 16.32 8.06
C THR A 217 25.01 16.88 9.48
N LYS A 218 24.27 16.15 10.31
CA LYS A 218 24.06 16.51 11.71
C LYS A 218 23.37 17.87 11.85
N SER A 219 22.16 17.99 11.32
CA SER A 219 21.47 19.26 11.32
C SER A 219 19.96 19.09 11.32
N CYS A 220 19.24 20.10 11.80
CA CYS A 220 17.79 20.02 11.81
C CYS A 220 17.15 20.37 10.45
N VAL A 221 16.55 19.35 9.84
CA VAL A 221 15.86 19.47 8.56
C VAL A 221 14.56 20.25 8.70
N ALA A 222 13.74 19.85 9.66
CA ALA A 222 12.42 20.47 9.86
C ALA A 222 11.83 20.29 11.25
N THR A 223 11.14 21.34 11.68
CA THR A 223 10.30 21.31 12.87
C THR A 223 8.84 21.13 12.48
N LEU A 224 8.20 20.15 13.10
CA LEU A 224 6.82 19.87 12.79
C LEU A 224 6.06 20.05 14.07
N GLU A 225 5.38 21.19 14.18
CA GLU A 225 4.54 21.41 15.34
C GLU A 225 3.04 21.30 15.04
N GLY A 226 2.42 20.29 15.63
CA GLY A 226 0.98 20.26 15.68
C GLY A 226 0.56 20.36 17.13
N HIS A 227 0.16 19.20 17.65
CA HIS A 227 -0.21 18.91 19.03
C HIS A 227 -0.38 20.01 20.10
N MET A 228 -1.39 19.85 20.92
CA MET A 228 -1.65 20.83 21.97
C MET A 228 -1.00 20.40 23.29
N SER A 229 -0.66 19.11 23.44
CA SER A 229 0.13 18.67 24.60
C SER A 229 1.30 17.79 24.20
N ASN A 230 2.24 17.55 25.14
CA ASN A 230 3.42 16.66 24.99
C ASN A 230 3.38 15.55 23.91
N VAL A 231 4.18 15.67 22.88
CA VAL A 231 4.30 14.58 21.89
C VAL A 231 5.01 13.29 22.41
N SER A 232 4.25 12.18 22.44
CA SER A 232 4.73 10.87 22.92
C SER A 232 5.61 10.07 21.96
N PHE A 233 5.23 9.97 20.69
CA PHE A 233 6.07 9.32 19.69
C PHE A 233 6.02 10.05 18.37
N ALA A 234 6.92 9.68 17.47
CA ALA A 234 6.93 10.10 16.07
C ALA A 234 7.72 9.04 15.35
N VAL A 235 7.12 8.44 14.33
CA VAL A 235 7.77 7.36 13.58
C VAL A 235 7.49 7.48 12.09
N PHE A 236 8.33 6.84 11.29
CA PHE A 236 8.11 6.75 9.84
C PHE A 236 7.42 5.46 9.52
N HIS A 237 6.30 5.55 8.83
CA HIS A 237 5.67 4.33 8.34
C HIS A 237 6.65 3.61 7.40
N PRO A 238 6.67 2.26 7.49
CA PRO A 238 7.61 1.46 6.68
C PRO A 238 7.38 1.60 5.18
N THR A 239 6.16 1.97 4.78
CA THR A 239 5.71 1.78 3.40
C THR A 239 5.01 3.00 2.74
N LEU A 240 4.27 3.78 3.52
CA LEU A 240 3.68 4.98 2.98
C LEU A 240 4.49 6.22 3.39
N PRO A 241 4.57 7.24 2.50
CA PRO A 241 5.45 8.40 2.71
C PRO A 241 4.93 9.29 3.83
N ILE A 242 4.71 8.67 4.98
CA ILE A 242 4.17 9.39 6.11
C ILE A 242 5.00 9.28 7.37
N ILE A 243 4.73 10.22 8.26
CA ILE A 243 5.19 10.21 9.64
C ILE A 243 3.96 10.02 10.50
N ILE A 244 4.07 9.25 11.58
CA ILE A 244 2.96 9.16 12.53
C ILE A 244 3.37 9.53 13.96
N SER A 245 2.71 10.56 14.49
CA SER A 245 2.91 11.03 15.86
C SER A 245 1.66 10.82 16.70
N GLY A 246 1.86 10.80 18.00
CA GLY A 246 0.74 10.65 18.92
C GLY A 246 1.08 11.40 20.18
N SER A 247 0.06 11.76 20.96
CA SER A 247 0.30 12.63 22.08
C SER A 247 -0.80 12.71 23.15
N GLU A 248 -0.49 13.44 24.20
CA GLU A 248 -1.31 13.48 25.38
C GLU A 248 -2.52 14.36 25.16
N ASP A 249 -2.59 14.97 23.97
CA ASP A 249 -3.80 15.68 23.62
C ASP A 249 -4.90 14.71 23.22
N GLY A 250 -4.52 13.46 23.01
CA GLY A 250 -5.50 12.42 22.77
C GLY A 250 -5.50 11.99 21.32
N THR A 251 -4.75 12.72 20.51
CA THR A 251 -4.72 12.54 19.07
C THR A 251 -3.61 11.66 18.48
N LEU A 252 -3.86 11.21 17.25
CA LEU A 252 -2.86 10.66 16.34
C LEU A 252 -2.76 11.61 15.16
N LYS A 253 -1.57 12.14 14.91
CA LYS A 253 -1.40 12.92 13.68
C LYS A 253 -0.54 12.20 12.65
N ILE A 254 -1.11 12.01 11.47
CA ILE A 254 -0.40 11.49 10.31
C ILE A 254 0.04 12.67 9.47
N TRP A 255 1.35 12.83 9.40
CA TRP A 255 2.03 13.91 8.71
C TRP A 255 2.54 13.37 7.39
N ASN A 256 2.65 14.27 6.43
CA ASN A 256 3.28 14.05 5.13
C ASN A 256 4.81 14.27 5.25
N SER A 257 5.61 13.27 4.89
CA SER A 257 7.08 13.39 5.00
C SER A 257 7.74 14.30 3.95
N SER A 258 6.97 14.79 2.99
CA SER A 258 7.57 15.66 1.97
C SER A 258 7.21 17.11 2.23
N THR A 259 5.92 17.39 2.37
CA THR A 259 5.47 18.76 2.60
C THR A 259 5.40 19.14 4.07
N TYR A 260 5.55 18.14 4.95
CA TYR A 260 5.53 18.32 6.41
C TYR A 260 4.25 18.96 6.91
N LYS A 261 3.14 18.66 6.23
CA LYS A 261 1.84 19.18 6.59
C LYS A 261 1.08 17.98 7.10
N VAL A 262 0.20 18.19 8.08
CA VAL A 262 -0.57 17.10 8.64
C VAL A 262 -1.62 16.62 7.66
N GLU A 263 -1.49 15.36 7.26
CA GLU A 263 -2.42 14.76 6.33
C GLU A 263 -3.73 14.38 7.01
N LYS A 264 -3.66 13.86 8.25
CA LYS A 264 -4.87 13.31 8.91
C LYS A 264 -4.79 13.26 10.44
N THR A 265 -5.84 13.71 11.15
CA THR A 265 -5.89 13.75 12.61
C THR A 265 -7.01 12.84 13.18
N LEU A 266 -6.69 11.91 14.08
CA LEU A 266 -7.68 11.02 14.68
C LEU A 266 -7.79 11.12 16.21
N ASN A 267 -9.03 11.21 16.71
CA ASN A 267 -9.28 11.18 18.17
C ASN A 267 -9.99 9.90 18.59
N VAL A 268 -9.28 8.79 18.39
CA VAL A 268 -9.65 7.44 18.81
C VAL A 268 -10.57 7.33 20.04
N GLY A 269 -10.48 8.28 20.97
CA GLY A 269 -11.34 8.30 22.14
C GLY A 269 -10.83 7.45 23.28
N LEU A 270 -9.55 7.12 23.26
CA LEU A 270 -9.02 6.36 24.36
C LEU A 270 -8.21 7.27 25.29
N GLU A 271 -8.48 8.56 25.19
CA GLU A 271 -7.74 9.61 25.88
C GLU A 271 -6.29 9.61 25.41
N ARG A 272 -5.40 9.74 26.37
CA ARG A 272 -4.01 10.02 26.08
C ARG A 272 -3.23 8.96 25.31
N SER A 273 -2.48 9.43 24.33
CA SER A 273 -1.73 8.56 23.44
C SER A 273 -0.31 8.37 23.92
N TRP A 274 0.06 7.11 24.14
CA TRP A 274 1.33 6.78 24.78
C TRP A 274 2.42 6.19 23.90
N CYS A 275 2.05 5.32 22.98
CA CYS A 275 3.01 4.49 22.28
C CYS A 275 2.50 4.04 20.92
N ILE A 276 3.42 3.53 20.11
CA ILE A 276 3.22 3.28 18.66
C ILE A 276 3.96 2.03 18.10
N ALA A 277 3.36 1.45 17.07
CA ALA A 277 3.96 0.34 16.34
C ALA A 277 3.48 0.35 14.86
N THR A 278 4.32 -0.14 13.97
CA THR A 278 3.90 -0.34 12.59
C THR A 278 4.27 -1.75 12.19
N HIS A 279 3.31 -2.49 11.61
CA HIS A 279 3.60 -3.82 11.05
C HIS A 279 4.90 -3.75 10.23
N PRO A 280 5.89 -4.58 10.61
CA PRO A 280 7.26 -4.60 10.10
C PRO A 280 7.37 -4.54 8.58
N THR A 281 6.46 -5.21 7.87
CA THR A 281 6.57 -5.35 6.42
C THR A 281 5.35 -4.79 5.68
N GLY A 282 4.69 -3.83 6.32
CA GLY A 282 3.65 -3.06 5.67
C GLY A 282 2.32 -3.78 5.48
N ARG A 283 2.17 -4.98 6.06
CA ARG A 283 0.96 -5.77 5.84
C ARG A 283 -0.30 -4.99 6.17
N LYS A 284 -1.10 -4.70 5.14
CA LYS A 284 -2.30 -3.88 5.29
C LYS A 284 -1.95 -2.46 5.78
N ASN A 285 -0.65 -2.15 5.80
CA ASN A 285 -0.13 -0.89 6.31
C ASN A 285 -0.54 -0.63 7.76
N TYR A 286 -0.45 -1.68 8.55
CA TYR A 286 -0.95 -1.68 9.91
C TYR A 286 -0.09 -0.78 10.81
N ILE A 287 -0.77 0.06 11.59
CA ILE A 287 -0.16 0.83 12.68
C ILE A 287 -1.01 0.64 13.93
N ALA A 288 -0.37 0.47 15.07
CA ALA A 288 -1.11 0.23 16.30
C ALA A 288 -0.66 1.12 17.43
N SER A 289 -1.61 1.54 18.25
CA SER A 289 -1.29 2.56 19.26
C SER A 289 -1.88 2.27 20.62
N GLY A 290 -1.20 2.82 21.64
CA GLY A 290 -1.55 2.54 23.02
C GLY A 290 -1.94 3.74 23.86
N PHE A 291 -2.98 3.58 24.67
CA PHE A 291 -3.57 4.74 25.32
C PHE A 291 -3.85 4.54 26.82
N ASP A 292 -4.27 5.64 27.44
CA ASP A 292 -4.81 5.60 28.78
C ASP A 292 -5.89 4.55 28.89
N ASN A 293 -6.74 4.47 27.87
CA ASN A 293 -7.90 3.60 27.94
C ASN A 293 -7.84 2.40 27.01
N GLY A 294 -6.70 2.20 26.37
CA GLY A 294 -6.49 0.98 25.63
C GLY A 294 -5.86 1.15 24.28
N PHE A 295 -6.06 0.17 23.41
CA PHE A 295 -5.35 0.17 22.14
C PHE A 295 -6.20 0.04 20.88
N THR A 296 -5.62 0.53 19.78
CA THR A 296 -6.22 0.32 18.47
C THR A 296 -5.27 -0.07 17.33
N VAL A 297 -5.84 -0.78 16.38
CA VAL A 297 -5.14 -1.31 15.22
C VAL A 297 -5.75 -0.65 14.00
N LEU A 298 -4.94 0.06 13.25
CA LEU A 298 -5.43 0.83 12.11
C LEU A 298 -4.75 0.44 10.81
N SER A 299 -5.57 0.23 9.78
CA SER A 299 -5.08 -0.03 8.45
C SER A 299 -5.23 1.24 7.61
N LEU A 300 -4.21 1.53 6.84
CA LEU A 300 -4.09 2.77 6.11
C LEU A 300 -4.05 2.55 4.61
N GLY A 301 -5.10 2.91 3.90
CA GLY A 301 -5.06 2.84 2.46
C GLY A 301 -5.12 4.20 1.81
N ASN A 302 -5.39 4.19 0.52
CA ASN A 302 -5.49 5.39 -0.28
C ASN A 302 -6.81 5.39 -1.04
N ASP A 303 -7.37 6.56 -1.24
CA ASP A 303 -8.57 6.64 -2.08
C ASP A 303 -8.19 6.98 -3.52
N GLU A 304 -7.71 5.96 -4.23
CA GLU A 304 -7.33 6.13 -5.63
C GLU A 304 -8.58 6.18 -6.51
N PRO A 305 -8.54 7.05 -7.52
CA PRO A 305 -9.75 7.26 -8.31
C PRO A 305 -10.01 6.11 -9.27
N THR A 306 -11.22 5.58 -9.22
CA THR A 306 -11.61 4.47 -10.07
C THR A 306 -12.93 4.77 -10.73
N LEU A 307 -13.07 4.29 -11.95
CA LEU A 307 -14.33 4.37 -12.69
C LEU A 307 -14.34 3.36 -13.88
N SER A 308 -15.42 2.60 -13.95
CA SER A 308 -15.71 1.74 -15.10
C SER A 308 -17.10 2.07 -15.64
N LEU A 309 -17.19 2.33 -16.96
CA LEU A 309 -18.46 2.54 -17.66
C LEU A 309 -18.90 1.24 -18.27
N ASP A 310 -20.20 0.94 -18.24
CA ASP A 310 -20.68 -0.28 -18.90
C ASP A 310 -21.19 -0.01 -20.35
N PRO A 311 -21.45 -1.08 -21.14
CA PRO A 311 -21.84 -0.77 -22.52
C PRO A 311 -23.18 -0.06 -22.57
N VAL A 312 -24.04 -0.41 -21.62
CA VAL A 312 -25.36 0.17 -21.58
C VAL A 312 -25.41 1.53 -20.85
N GLY A 313 -24.31 1.93 -20.21
CA GLY A 313 -24.14 3.30 -19.72
C GLY A 313 -23.99 3.52 -18.22
N LYS A 314 -23.76 2.45 -17.48
CA LYS A 314 -23.71 2.50 -16.03
C LYS A 314 -22.30 2.68 -15.55
N LEU A 315 -22.13 3.69 -14.70
CA LEU A 315 -20.85 3.97 -14.11
C LEU A 315 -20.81 3.35 -12.73
N VAL A 316 -19.64 2.84 -12.37
CA VAL A 316 -19.40 2.39 -11.02
C VAL A 316 -18.02 2.78 -10.50
N TRP A 317 -17.97 3.43 -9.34
CA TRP A 317 -16.69 3.89 -8.80
C TRP A 317 -16.50 3.60 -7.30
N SER A 318 -15.25 3.59 -6.85
CA SER A 318 -14.99 3.60 -5.40
C SER A 318 -14.58 4.99 -4.91
N GLY A 319 -14.91 5.25 -3.64
CA GLY A 319 -14.42 6.38 -2.87
C GLY A 319 -14.95 7.77 -3.17
N GLY A 320 -14.09 8.77 -3.00
CA GLY A 320 -14.46 10.15 -3.22
C GLY A 320 -14.24 11.08 -2.03
N LYS A 321 -14.53 12.36 -2.25
CA LYS A 321 -14.39 13.38 -1.22
C LYS A 321 -15.27 13.07 -0.01
N ASN A 322 -16.59 13.08 -0.23
CA ASN A 322 -17.56 12.88 0.84
C ASN A 322 -17.65 11.41 1.31
N ALA A 323 -16.76 10.56 0.79
CA ALA A 323 -16.90 9.11 0.97
C ALA A 323 -15.60 8.32 1.21
N ALA A 324 -15.75 7.02 1.45
CA ALA A 324 -14.62 6.15 1.81
C ALA A 324 -14.05 5.26 0.68
N ALA A 325 -12.72 5.17 0.67
CA ALA A 325 -12.00 4.25 -0.20
C ALA A 325 -12.30 2.83 0.20
N SER A 326 -13.40 2.34 -0.35
CA SER A 326 -13.85 0.93 -0.37
C SER A 326 -15.38 0.91 -0.26
N ASP A 327 -15.97 2.09 -0.46
CA ASP A 327 -17.39 2.22 -0.70
C ASP A 327 -17.58 2.30 -2.21
N ILE A 328 -18.57 1.57 -2.70
CA ILE A 328 -18.89 1.50 -4.12
C ILE A 328 -20.20 2.25 -4.47
N PHE A 329 -20.14 3.04 -5.54
CA PHE A 329 -21.25 3.88 -5.98
C PHE A 329 -21.56 3.71 -7.48
N THR A 330 -22.83 3.93 -7.85
CA THR A 330 -23.26 3.73 -9.23
C THR A 330 -24.23 4.78 -9.78
N ALA A 331 -24.06 5.09 -11.06
CA ALA A 331 -24.79 6.20 -11.65
C ALA A 331 -25.14 5.93 -13.11
N VAL A 332 -26.34 6.28 -13.54
CA VAL A 332 -26.79 5.92 -14.87
C VAL A 332 -26.65 7.09 -15.83
N ILE A 333 -26.40 6.79 -17.11
CA ILE A 333 -26.25 7.82 -18.12
C ILE A 333 -27.35 7.72 -19.19
N ARG A 334 -27.91 8.86 -19.52
CA ARG A 334 -29.05 8.96 -20.41
C ARG A 334 -28.77 10.13 -21.34
N GLY A 335 -29.28 10.11 -22.55
CA GLY A 335 -29.14 11.26 -23.42
C GLY A 335 -29.77 12.48 -22.77
N ASN A 336 -30.63 12.24 -21.77
CA ASN A 336 -31.25 13.27 -20.92
C ASN A 336 -30.40 14.50 -20.77
N GLU A 337 -29.25 14.30 -20.13
CA GLU A 337 -28.34 15.39 -19.79
C GLU A 337 -28.09 16.31 -20.98
N GLU A 338 -28.69 17.49 -20.86
CA GLU A 338 -28.57 18.58 -21.81
C GLU A 338 -27.12 18.70 -22.26
N VAL A 339 -26.90 18.65 -23.57
CA VAL A 339 -25.54 18.50 -24.10
C VAL A 339 -24.62 19.72 -23.91
N GLU A 340 -24.42 20.16 -22.66
CA GLU A 340 -23.42 21.20 -22.37
C GLU A 340 -22.02 20.59 -22.36
N GLN A 341 -21.10 21.24 -23.07
CA GLN A 341 -19.86 20.61 -23.50
C GLN A 341 -18.85 20.27 -22.40
N ASP A 342 -18.26 21.30 -21.80
CA ASP A 342 -17.14 21.11 -20.87
C ASP A 342 -17.48 21.27 -19.40
N GLU A 343 -18.74 21.04 -19.06
CA GLU A 343 -19.09 20.93 -17.67
C GLU A 343 -19.29 19.46 -17.37
N PRO A 344 -18.85 19.02 -16.19
CA PRO A 344 -19.09 17.65 -15.73
C PRO A 344 -20.59 17.32 -15.72
N LEU A 345 -20.94 16.09 -16.10
CA LEU A 345 -22.33 15.65 -16.05
C LEU A 345 -22.83 15.66 -14.61
N SER A 346 -24.09 16.01 -14.42
CA SER A 346 -24.71 15.87 -13.10
C SER A 346 -25.62 14.64 -13.13
N LEU A 347 -25.32 13.69 -12.26
CA LEU A 347 -26.07 12.45 -12.19
C LEU A 347 -26.39 12.19 -10.74
N GLN A 348 -27.29 11.25 -10.47
CA GLN A 348 -27.61 10.97 -9.09
C GLN A 348 -26.94 9.72 -8.57
N THR A 349 -26.11 9.93 -7.56
CA THR A 349 -25.34 8.86 -6.98
C THR A 349 -26.25 7.95 -6.18
N LYS A 350 -26.25 6.67 -6.55
CA LYS A 350 -26.93 5.69 -5.75
C LYS A 350 -25.85 4.88 -5.04
N GLU A 351 -26.04 4.64 -3.75
CA GLU A 351 -25.17 3.72 -3.03
C GLU A 351 -25.26 2.34 -3.70
N LEU A 352 -24.12 1.71 -3.97
CA LEU A 352 -24.16 0.35 -4.49
C LEU A 352 -23.68 -0.65 -3.45
N GLY A 353 -22.52 -0.41 -2.84
CA GLY A 353 -22.02 -1.32 -1.83
C GLY A 353 -20.71 -0.99 -1.15
N SER A 354 -20.01 -2.05 -0.73
CA SER A 354 -18.78 -1.91 0.04
C SER A 354 -17.84 -3.00 -0.40
N VAL A 355 -16.57 -2.88 -0.01
CA VAL A 355 -15.61 -3.92 -0.34
C VAL A 355 -14.47 -3.91 0.69
N ASP A 356 -13.86 -5.06 0.92
CA ASP A 356 -12.90 -5.24 2.02
C ASP A 356 -11.45 -4.78 1.76
N VAL A 357 -11.17 -4.26 0.55
CA VAL A 357 -9.82 -3.79 0.22
C VAL A 357 -9.80 -2.39 -0.40
N PHE A 358 -8.62 -1.76 -0.39
CA PHE A 358 -8.43 -0.42 -0.96
C PHE A 358 -8.24 -0.48 -2.48
N PRO A 359 -9.25 -0.05 -3.25
CA PRO A 359 -9.08 -0.13 -4.70
C PRO A 359 -7.88 0.69 -5.22
N GLN A 360 -7.21 0.14 -6.23
CA GLN A 360 -6.26 0.91 -7.04
C GLN A 360 -6.92 1.08 -8.39
N SER A 361 -7.85 0.18 -8.69
CA SER A 361 -8.54 0.14 -9.98
C SER A 361 -9.73 -0.80 -9.94
N LEU A 362 -10.64 -0.56 -10.87
CA LEU A 362 -11.96 -1.18 -10.87
C LEU A 362 -12.46 -1.34 -12.32
N ALA A 363 -13.15 -2.44 -12.63
CA ALA A 363 -13.57 -2.69 -14.02
C ALA A 363 -14.72 -3.68 -14.21
N HIS A 364 -15.70 -3.27 -15.02
CA HIS A 364 -16.84 -4.11 -15.40
C HIS A 364 -16.41 -5.28 -16.26
N SER A 365 -17.14 -6.38 -16.21
CA SER A 365 -16.98 -7.42 -17.23
C SER A 365 -17.36 -6.80 -18.59
N PRO A 366 -16.89 -7.39 -19.70
CA PRO A 366 -17.31 -6.84 -20.99
C PRO A 366 -18.82 -6.60 -21.16
N ASN A 367 -19.67 -7.53 -20.74
CA ASN A 367 -21.12 -7.36 -20.87
C ASN A 367 -21.75 -6.51 -19.75
N GLY A 368 -20.95 -6.13 -18.76
CA GLY A 368 -21.43 -5.24 -17.72
C GLY A 368 -22.13 -5.97 -16.59
N ARG A 369 -22.10 -7.30 -16.66
CA ARG A 369 -22.70 -8.14 -15.63
C ARG A 369 -21.99 -7.97 -14.29
N PHE A 370 -20.70 -8.24 -14.26
CA PHE A 370 -19.94 -8.22 -13.03
C PHE A 370 -18.94 -7.07 -12.95
N VAL A 371 -18.53 -6.79 -11.71
CA VAL A 371 -17.49 -5.82 -11.45
C VAL A 371 -16.33 -6.44 -10.70
N THR A 372 -15.12 -6.16 -11.15
CA THR A 372 -13.98 -6.60 -10.42
C THR A 372 -13.31 -5.39 -9.80
N VAL A 373 -13.09 -5.46 -8.48
CA VAL A 373 -12.18 -4.52 -7.83
C VAL A 373 -10.83 -5.17 -7.52
N VAL A 374 -9.74 -4.49 -7.86
CA VAL A 374 -8.41 -5.02 -7.63
C VAL A 374 -7.68 -4.13 -6.65
N GLY A 375 -6.90 -4.73 -5.75
CA GLY A 375 -6.09 -3.96 -4.81
C GLY A 375 -5.31 -4.77 -3.78
N ASP A 376 -4.11 -4.28 -3.46
CA ASP A 376 -3.39 -4.74 -2.28
C ASP A 376 -3.12 -6.25 -2.37
N GLY A 377 -3.01 -6.74 -3.60
CA GLY A 377 -2.71 -8.14 -3.86
C GLY A 377 -3.96 -8.95 -4.05
N GLU A 378 -5.10 -8.38 -3.68
CA GLU A 378 -6.37 -9.07 -3.80
C GLU A 378 -7.22 -8.62 -4.99
N TYR A 379 -7.92 -9.57 -5.59
CA TYR A 379 -8.99 -9.25 -6.51
C TYR A 379 -10.30 -9.79 -5.96
N VAL A 380 -11.39 -9.07 -6.27
CA VAL A 380 -12.74 -9.47 -5.83
C VAL A 380 -13.79 -9.20 -6.94
N ILE A 381 -14.79 -10.07 -7.00
CA ILE A 381 -15.78 -9.98 -8.06
C ILE A 381 -17.16 -9.89 -7.47
N TYR A 382 -17.88 -8.86 -7.90
CA TYR A 382 -19.20 -8.56 -7.40
C TYR A 382 -20.24 -8.53 -8.52
N THR A 383 -21.47 -8.91 -8.16
CA THR A 383 -22.63 -8.81 -9.03
C THR A 383 -23.04 -7.35 -9.15
N ALA A 384 -23.20 -6.82 -10.35
CA ALA A 384 -23.51 -5.41 -10.48
C ALA A 384 -24.95 -5.03 -10.04
N LEU A 385 -25.81 -6.02 -9.84
CA LEU A 385 -27.22 -5.72 -9.57
C LEU A 385 -27.58 -5.51 -8.09
N ALA A 386 -27.12 -6.39 -7.21
CA ALA A 386 -27.37 -6.23 -5.80
C ALA A 386 -26.06 -6.36 -5.01
N TRP A 387 -24.98 -5.91 -5.65
CA TRP A 387 -23.62 -6.02 -5.13
C TRP A 387 -23.26 -7.36 -4.46
N ARG A 388 -23.72 -8.45 -5.06
CA ARG A 388 -23.47 -9.77 -4.51
C ARG A 388 -22.08 -10.26 -4.87
N ASN A 389 -21.41 -10.90 -3.91
CA ASN A 389 -20.11 -11.50 -4.14
C ASN A 389 -20.20 -12.76 -5.01
N LYS A 390 -19.18 -12.99 -5.82
CA LYS A 390 -19.10 -14.18 -6.69
C LYS A 390 -17.72 -14.81 -6.70
N ALA A 391 -16.72 -14.08 -6.22
CA ALA A 391 -15.34 -14.58 -6.21
C ALA A 391 -14.41 -13.64 -5.45
N PHE A 392 -13.37 -14.22 -4.84
CA PHE A 392 -12.27 -13.45 -4.26
C PHE A 392 -11.01 -14.24 -4.46
N GLY A 393 -9.86 -13.58 -4.31
CA GLY A 393 -8.60 -14.29 -4.33
C GLY A 393 -7.40 -13.37 -4.42
N LYS A 394 -6.20 -13.94 -4.49
CA LYS A 394 -5.01 -13.11 -4.67
C LYS A 394 -4.60 -13.01 -6.14
N CYS A 395 -4.11 -11.83 -6.55
CA CYS A 395 -3.65 -11.58 -7.93
C CYS A 395 -2.87 -10.28 -8.13
N GLN A 396 -1.89 -10.36 -9.04
CA GLN A 396 -1.03 -9.25 -9.37
C GLN A 396 -1.54 -8.60 -10.64
N ASP A 397 -2.63 -9.17 -11.16
CA ASP A 397 -3.24 -8.73 -12.41
C ASP A 397 -4.40 -9.64 -12.71
N PHE A 398 -5.43 -9.04 -13.29
CA PHE A 398 -6.71 -9.67 -13.55
C PHE A 398 -7.16 -9.15 -14.92
N VAL A 399 -7.57 -10.07 -15.81
CA VAL A 399 -8.11 -9.63 -17.10
C VAL A 399 -9.30 -10.47 -17.48
N TRP A 400 -10.35 -9.79 -17.98
CA TRP A 400 -11.59 -10.48 -18.32
C TRP A 400 -11.52 -11.12 -19.70
N GLY A 401 -12.14 -12.30 -19.80
CA GLY A 401 -12.29 -12.98 -21.07
C GLY A 401 -13.62 -12.65 -21.73
N PRO A 402 -13.63 -12.64 -23.07
CA PRO A 402 -14.77 -12.39 -23.96
C PRO A 402 -16.10 -12.80 -23.33
N ASP A 403 -16.23 -14.08 -22.99
CA ASP A 403 -17.40 -14.67 -22.33
C ASP A 403 -18.20 -13.71 -21.45
N SER A 404 -17.49 -12.92 -20.64
CA SER A 404 -18.00 -12.29 -19.43
C SER A 404 -18.34 -13.33 -18.37
N ASN A 405 -17.66 -14.48 -18.44
CA ASN A 405 -17.79 -15.59 -17.49
C ASN A 405 -16.51 -16.43 -17.43
N SER A 406 -15.38 -15.78 -17.68
CA SER A 406 -14.10 -16.42 -17.50
C SER A 406 -13.08 -15.30 -17.48
N TYR A 407 -11.91 -15.56 -16.90
CA TYR A 407 -10.86 -14.56 -16.80
C TYR A 407 -9.51 -15.20 -16.59
N ALA A 408 -8.47 -14.38 -16.56
CA ALA A 408 -7.10 -14.85 -16.34
C ALA A 408 -6.38 -13.97 -15.30
N LEU A 409 -5.42 -14.54 -14.57
CA LEU A 409 -4.69 -13.83 -13.50
C LEU A 409 -3.20 -14.05 -13.56
N ILE A 410 -2.42 -13.08 -13.08
CA ILE A 410 -1.05 -13.37 -12.64
C ILE A 410 -1.05 -13.52 -11.11
N ASP A 411 -0.74 -14.71 -10.62
CA ASP A 411 -1.00 -15.01 -9.21
C ASP A 411 0.18 -14.72 -8.28
N GLU A 412 -0.01 -14.98 -6.99
CA GLU A 412 1.00 -14.70 -5.97
C GLU A 412 2.40 -15.30 -6.23
N THR A 413 2.51 -16.21 -7.20
CA THR A 413 3.82 -16.74 -7.60
C THR A 413 4.25 -16.23 -8.99
N GLY A 414 3.39 -15.43 -9.61
CA GLY A 414 3.71 -14.82 -10.89
C GLY A 414 3.35 -15.70 -12.06
N GLN A 415 2.38 -16.59 -11.85
CA GLN A 415 2.03 -17.56 -12.86
C GLN A 415 0.55 -17.47 -13.28
N ILE A 416 0.30 -17.54 -14.59
CA ILE A 416 -1.04 -17.34 -15.11
C ILE A 416 -2.01 -18.46 -14.72
N LYS A 417 -3.15 -18.07 -14.16
CA LYS A 417 -4.21 -19.01 -13.84
C LYS A 417 -5.39 -18.60 -14.68
N TYR A 418 -6.21 -19.57 -15.10
CA TYR A 418 -7.39 -19.23 -15.87
C TYR A 418 -8.67 -19.81 -15.31
N TYR A 419 -9.59 -18.92 -14.93
CA TYR A 419 -10.86 -19.30 -14.34
C TYR A 419 -11.95 -19.30 -15.40
N LYS A 420 -12.81 -20.31 -15.35
CA LYS A 420 -13.97 -20.37 -16.23
C LYS A 420 -15.15 -20.78 -15.36
N ASN A 421 -16.19 -19.95 -15.37
CA ASN A 421 -17.36 -20.12 -14.50
C ASN A 421 -17.02 -19.94 -13.01
N PHE A 422 -16.21 -18.92 -12.70
CA PHE A 422 -15.81 -18.59 -11.32
C PHE A 422 -15.11 -19.75 -10.64
N LYS A 423 -14.84 -20.80 -11.41
CA LYS A 423 -14.37 -22.06 -10.89
C LYS A 423 -13.20 -22.54 -11.74
N GLU A 424 -11.99 -22.42 -11.21
CA GLU A 424 -10.75 -22.52 -11.99
C GLU A 424 -10.65 -23.73 -12.92
N VAL A 425 -10.16 -23.50 -14.13
CA VAL A 425 -9.73 -24.61 -14.97
C VAL A 425 -8.29 -24.92 -14.58
N THR A 426 -8.10 -26.09 -13.98
CA THR A 426 -6.78 -26.50 -13.51
C THR A 426 -5.92 -26.88 -14.69
N SER A 427 -6.52 -27.59 -15.65
CA SER A 427 -5.84 -28.14 -16.81
C SER A 427 -5.36 -27.08 -17.79
N TRP A 428 -6.09 -25.97 -17.85
CA TRP A 428 -5.71 -24.84 -18.69
C TRP A 428 -4.36 -24.36 -18.20
N SER A 429 -3.36 -24.43 -19.05
CA SER A 429 -2.04 -24.01 -18.66
C SER A 429 -1.36 -23.29 -19.79
N VAL A 430 -0.79 -22.13 -19.47
CA VAL A 430 0.17 -21.48 -20.35
C VAL A 430 1.45 -21.35 -19.54
N PRO A 431 2.45 -22.17 -19.90
CA PRO A 431 3.78 -22.14 -19.31
C PRO A 431 4.54 -20.93 -19.84
N MET A 432 4.76 -19.94 -18.97
CA MET A 432 5.48 -18.74 -19.33
C MET A 432 6.77 -18.71 -18.53
N HIS A 433 7.91 -18.63 -19.21
CA HIS A 433 9.19 -18.84 -18.54
C HIS A 433 9.99 -17.58 -18.26
N SER A 434 9.59 -16.47 -18.87
CA SER A 434 10.19 -15.19 -18.50
C SER A 434 9.37 -14.60 -17.36
N ALA A 435 9.61 -13.34 -17.04
CA ALA A 435 8.78 -12.66 -16.06
C ALA A 435 7.64 -11.94 -16.78
N ILE A 436 6.46 -11.98 -16.18
CA ILE A 436 5.26 -11.43 -16.80
C ILE A 436 4.95 -10.01 -16.33
N ASP A 437 5.39 -9.03 -17.10
CA ASP A 437 5.04 -7.64 -16.85
C ASP A 437 3.53 -7.42 -16.67
N ARG A 438 2.71 -7.95 -17.58
CA ARG A 438 1.29 -7.58 -17.63
C ARG A 438 0.34 -8.63 -18.26
N LEU A 439 -0.92 -8.22 -18.42
CA LEU A 439 -2.02 -9.02 -19.02
C LEU A 439 -3.07 -8.12 -19.70
N PHE A 440 -3.53 -8.50 -20.89
CA PHE A 440 -4.55 -7.74 -21.60
C PHE A 440 -5.74 -8.59 -21.96
N SER A 441 -6.92 -7.98 -21.96
CA SER A 441 -8.10 -8.70 -22.44
C SER A 441 -8.30 -8.54 -23.94
N GLY A 442 -9.55 -8.61 -24.36
CA GLY A 442 -9.86 -8.62 -25.76
C GLY A 442 -10.12 -10.04 -26.21
N ALA A 443 -10.03 -10.27 -27.52
CA ALA A 443 -10.48 -11.53 -28.11
C ALA A 443 -9.38 -12.57 -28.13
N LEU A 444 -8.15 -12.15 -27.88
CA LEU A 444 -7.07 -13.08 -27.55
C LEU A 444 -6.35 -12.63 -26.26
N LEU A 445 -6.11 -13.56 -25.34
CA LEU A 445 -5.45 -13.16 -24.11
C LEU A 445 -4.06 -12.63 -24.43
N GLY A 446 -3.77 -11.41 -24.03
CA GLY A 446 -2.47 -10.80 -24.27
C GLY A 446 -1.57 -10.86 -23.04
N VAL A 447 -0.31 -11.25 -23.26
CA VAL A 447 0.68 -11.41 -22.18
C VAL A 447 2.01 -10.69 -22.47
N LYS A 448 2.42 -9.75 -21.62
CA LYS A 448 3.66 -9.02 -21.88
C LYS A 448 4.89 -9.56 -21.14
N SER A 449 5.87 -10.06 -21.91
CA SER A 449 7.17 -10.46 -21.36
C SER A 449 8.25 -9.80 -22.19
N ASP A 450 9.26 -9.24 -21.53
CA ASP A 450 10.30 -8.46 -22.21
C ASP A 450 9.64 -7.27 -22.91
N GLY A 451 10.17 -6.91 -24.07
CA GLY A 451 9.55 -5.87 -24.88
C GLY A 451 8.67 -6.51 -25.94
N PHE A 452 8.03 -7.62 -25.55
CA PHE A 452 7.20 -8.43 -26.44
C PHE A 452 5.73 -8.43 -26.06
N VAL A 453 4.92 -9.06 -26.90
CA VAL A 453 3.51 -9.28 -26.59
C VAL A 453 3.07 -10.63 -27.13
N TYR A 454 2.57 -11.50 -26.27
CA TYR A 454 2.12 -12.81 -26.72
C TYR A 454 0.59 -12.88 -26.74
N PHE A 455 0.04 -13.56 -27.74
CA PHE A 455 -1.40 -13.66 -27.88
C PHE A 455 -1.78 -15.12 -27.93
N PHE A 456 -2.59 -15.50 -26.96
CA PHE A 456 -2.97 -16.88 -26.73
C PHE A 456 -4.47 -17.03 -26.89
N ASP A 457 -4.86 -18.20 -27.34
CA ASP A 457 -6.26 -18.53 -27.52
C ASP A 457 -6.86 -18.71 -26.15
N TRP A 458 -8.00 -18.08 -25.90
CA TRP A 458 -8.60 -18.07 -24.57
C TRP A 458 -8.98 -19.45 -24.08
N ASP A 459 -9.65 -20.21 -24.93
CA ASP A 459 -10.18 -21.51 -24.53
C ASP A 459 -9.09 -22.55 -24.24
N ASN A 460 -8.09 -22.67 -25.10
CA ASN A 460 -7.03 -23.63 -24.83
C ASN A 460 -5.79 -23.05 -24.16
N GLY A 461 -5.20 -22.03 -24.75
CA GLY A 461 -4.03 -21.39 -24.17
C GLY A 461 -2.85 -21.50 -25.10
N THR A 462 -3.09 -21.93 -26.33
CA THR A 462 -1.97 -22.09 -27.25
C THR A 462 -1.59 -20.76 -27.92
N LEU A 463 -0.30 -20.48 -27.91
CA LEU A 463 0.23 -19.27 -28.53
C LEU A 463 -0.22 -19.12 -29.97
N VAL A 464 -1.21 -18.24 -30.17
CA VAL A 464 -1.65 -17.83 -31.51
C VAL A 464 -0.59 -16.97 -32.20
N ARG A 465 0.08 -16.08 -31.47
CA ARG A 465 1.17 -15.33 -32.10
C ARG A 465 2.02 -14.56 -31.08
N ARG A 466 3.20 -14.14 -31.49
CA ARG A 466 4.03 -13.24 -30.70
C ARG A 466 4.41 -12.03 -31.52
N ILE A 467 4.16 -10.84 -30.97
CA ILE A 467 4.52 -9.58 -31.60
C ILE A 467 5.72 -8.92 -30.89
N ASP A 468 6.73 -8.54 -31.67
CA ASP A 468 7.93 -7.94 -31.12
C ASP A 468 7.77 -6.42 -30.96
N VAL A 469 6.77 -6.01 -30.19
CA VAL A 469 6.58 -4.60 -29.90
C VAL A 469 6.45 -4.36 -28.39
N ASN A 470 7.18 -3.36 -27.91
CA ASN A 470 7.19 -3.01 -26.49
C ASN A 470 5.90 -2.28 -26.15
N ALA A 471 4.80 -3.03 -26.04
CA ALA A 471 3.50 -2.39 -25.93
C ALA A 471 3.23 -1.74 -24.58
N LYS A 472 2.54 -0.60 -24.62
CA LYS A 472 2.02 0.05 -23.42
C LYS A 472 0.70 -0.61 -23.10
N ASP A 473 -0.21 -0.55 -24.06
CA ASP A 473 -1.56 -1.13 -23.94
C ASP A 473 -1.85 -2.00 -25.17
N VAL A 474 -2.97 -2.73 -25.10
CA VAL A 474 -3.48 -3.53 -26.23
C VAL A 474 -5.00 -3.35 -26.30
N ILE A 475 -5.50 -2.69 -27.34
CA ILE A 475 -6.94 -2.41 -27.43
C ILE A 475 -7.64 -2.97 -28.67
N TRP A 476 -8.54 -3.92 -28.45
CA TRP A 476 -9.25 -4.60 -29.53
C TRP A 476 -10.55 -3.94 -29.98
N SER A 477 -10.90 -4.14 -31.25
CA SER A 477 -12.24 -3.88 -31.76
C SER A 477 -13.22 -4.91 -31.19
N ASP A 478 -14.50 -4.58 -31.17
CA ASP A 478 -15.51 -5.48 -30.61
C ASP A 478 -15.83 -6.68 -31.52
N ASN A 479 -15.73 -6.50 -32.84
CA ASN A 479 -15.98 -7.58 -33.81
C ASN A 479 -14.78 -8.49 -34.01
N GLY A 480 -13.72 -8.23 -33.26
CA GLY A 480 -12.61 -9.15 -33.13
C GLY A 480 -11.62 -9.13 -34.29
N GLU A 481 -11.91 -8.34 -35.32
CA GLU A 481 -11.01 -8.29 -36.46
C GLU A 481 -9.79 -7.39 -36.23
N LEU A 482 -10.03 -6.19 -35.73
CA LEU A 482 -8.98 -5.20 -35.52
C LEU A 482 -8.37 -5.22 -34.13
N VAL A 483 -7.16 -4.68 -34.02
CA VAL A 483 -6.52 -4.42 -32.72
C VAL A 483 -5.57 -3.25 -32.87
N MET A 484 -5.47 -2.42 -31.84
CA MET A 484 -4.44 -1.39 -31.81
C MET A 484 -3.36 -1.77 -30.80
N ILE A 485 -2.12 -1.83 -31.25
CA ILE A 485 -1.01 -2.06 -30.33
C ILE A 485 -0.28 -0.76 -30.00
N VAL A 486 -0.60 -0.23 -28.82
CA VAL A 486 -0.02 1.02 -28.35
C VAL A 486 1.44 0.79 -28.01
N ASN A 487 2.32 1.70 -28.42
CA ASN A 487 3.74 1.52 -28.20
C ASN A 487 4.32 2.45 -27.14
N THR A 488 4.83 1.87 -26.05
CA THR A 488 5.70 2.60 -25.13
C THR A 488 6.79 3.21 -25.98
N ASN A 489 6.53 4.42 -26.48
CA ASN A 489 7.38 5.03 -27.48
C ASN A 489 8.79 5.27 -26.96
N SER A 490 8.89 5.69 -25.70
CA SER A 490 10.16 5.92 -25.02
C SER A 490 11.13 6.73 -25.88
N ASN A 491 10.99 8.05 -25.82
CA ASN A 491 11.77 8.97 -26.64
C ASN A 491 11.42 8.88 -28.12
N GLY A 492 10.13 9.05 -28.43
CA GLY A 492 9.60 9.28 -29.77
C GLY A 492 10.38 8.89 -31.02
N ASP A 493 11.21 7.85 -30.90
CA ASP A 493 11.93 7.30 -32.03
C ASP A 493 10.98 6.52 -32.95
N GLU A 494 10.09 5.75 -32.34
CA GLU A 494 9.14 4.92 -33.07
C GLU A 494 7.76 5.57 -33.16
N ALA A 495 6.85 4.94 -33.90
CA ALA A 495 5.48 5.42 -33.98
C ALA A 495 4.80 5.07 -32.66
N SER A 496 3.72 5.78 -32.34
CA SER A 496 3.03 5.54 -31.06
C SER A 496 2.16 4.27 -31.00
N GLY A 497 1.88 3.65 -32.14
CA GLY A 497 1.07 2.45 -32.15
C GLY A 497 0.96 1.85 -33.53
N TYR A 498 0.37 0.66 -33.60
CA TYR A 498 0.20 -0.05 -34.87
C TYR A 498 -1.19 -0.73 -34.97
N THR A 499 -1.93 -0.48 -36.04
CA THR A 499 -3.12 -1.30 -36.24
C THR A 499 -2.73 -2.70 -36.73
N LEU A 500 -3.37 -3.73 -36.19
CA LEU A 500 -3.15 -5.08 -36.68
C LEU A 500 -4.48 -5.78 -36.99
N LEU A 501 -4.51 -6.46 -38.12
CA LEU A 501 -5.66 -7.28 -38.48
C LEU A 501 -5.38 -8.71 -38.04
N PHE A 502 -6.41 -9.37 -37.55
CA PHE A 502 -6.27 -10.72 -37.04
C PHE A 502 -7.10 -11.67 -37.88
N ASN A 503 -6.44 -12.60 -38.57
CA ASN A 503 -7.18 -13.64 -39.23
C ASN A 503 -7.26 -14.87 -38.34
N LYS A 504 -8.47 -15.19 -37.93
CA LYS A 504 -8.70 -16.32 -37.06
C LYS A 504 -8.53 -17.60 -37.88
N ASP A 505 -8.82 -17.50 -39.17
CA ASP A 505 -8.71 -18.63 -40.09
C ASP A 505 -7.26 -19.08 -40.18
N ALA A 506 -6.38 -18.10 -40.40
CA ALA A 506 -4.94 -18.37 -40.50
C ALA A 506 -4.39 -19.01 -39.24
N TYR A 507 -5.04 -18.74 -38.11
CA TYR A 507 -4.73 -19.43 -36.86
C TYR A 507 -5.23 -20.87 -36.93
N LEU A 508 -6.51 -21.07 -37.17
CA LEU A 508 -7.10 -22.41 -37.19
C LEU A 508 -6.45 -23.43 -38.16
N GLU A 509 -5.99 -22.95 -39.31
CA GLU A 509 -5.28 -23.82 -40.27
C GLU A 509 -3.95 -24.30 -39.70
N ALA A 510 -3.14 -23.34 -39.26
CA ALA A 510 -1.89 -23.65 -38.55
C ALA A 510 -2.12 -24.48 -37.29
N ALA A 511 -3.37 -24.46 -36.79
CA ALA A 511 -3.76 -25.27 -35.64
C ALA A 511 -3.95 -26.72 -36.03
N ASN A 512 -4.75 -26.97 -37.07
CA ASN A 512 -4.88 -28.34 -37.60
C ASN A 512 -3.53 -28.95 -37.98
N ASN A 513 -2.70 -28.20 -38.70
CA ASN A 513 -1.38 -28.70 -39.10
C ASN A 513 -0.46 -29.12 -37.94
N GLY A 514 -0.70 -28.61 -36.74
CA GLY A 514 0.24 -28.79 -35.65
C GLY A 514 1.51 -28.03 -35.98
N ASN A 515 1.39 -27.06 -36.89
CA ASN A 515 2.53 -26.27 -37.35
C ASN A 515 2.61 -24.91 -36.68
N ILE A 516 2.10 -24.85 -35.45
CA ILE A 516 2.22 -23.64 -34.66
C ILE A 516 3.61 -23.66 -34.00
N ASP A 517 4.45 -22.74 -34.45
CA ASP A 517 5.81 -22.63 -33.96
C ASP A 517 5.79 -22.10 -32.54
N ASP A 518 6.02 -22.97 -31.57
CA ASP A 518 5.86 -22.62 -30.15
C ASP A 518 6.70 -21.43 -29.66
N SER A 519 7.66 -20.98 -30.46
CA SER A 519 8.40 -19.79 -30.10
C SER A 519 7.68 -18.52 -30.58
N GLU A 520 7.29 -18.52 -31.85
CA GLU A 520 6.63 -17.38 -32.45
C GLU A 520 5.12 -17.53 -32.45
N GLY A 521 4.64 -18.49 -33.23
CA GLY A 521 3.22 -18.77 -33.31
C GLY A 521 2.79 -18.98 -34.75
N VAL A 522 2.01 -18.04 -35.28
CA VAL A 522 1.52 -18.10 -36.64
C VAL A 522 1.74 -16.77 -37.32
N ASP A 523 2.63 -16.74 -38.31
CA ASP A 523 2.96 -15.51 -39.01
C ASP A 523 1.76 -14.92 -39.76
N GLU A 524 0.84 -15.79 -40.19
CA GLU A 524 -0.26 -15.43 -41.08
C GLU A 524 -1.47 -14.86 -40.36
N ALA A 525 -1.57 -15.12 -39.07
CA ALA A 525 -2.73 -14.68 -38.29
C ALA A 525 -2.73 -13.18 -38.01
N PHE A 526 -1.57 -12.52 -38.15
CA PHE A 526 -1.48 -11.10 -37.84
C PHE A 526 -0.75 -10.27 -38.89
N ASP A 527 -1.44 -9.25 -39.40
CA ASP A 527 -0.86 -8.33 -40.37
C ASP A 527 -0.94 -6.90 -39.89
N VAL A 528 0.16 -6.19 -40.02
CA VAL A 528 0.24 -4.79 -39.64
C VAL A 528 -0.34 -3.87 -40.73
N LEU A 529 -1.48 -3.25 -40.43
CA LEU A 529 -2.19 -2.37 -41.40
C LEU A 529 -1.63 -0.93 -41.42
N TYR A 530 -1.47 -0.32 -40.25
CA TYR A 530 -0.92 1.02 -40.18
C TYR A 530 0.02 1.27 -38.98
N GLU A 531 0.72 2.41 -39.07
CA GLU A 531 1.45 3.00 -37.96
C GLU A 531 0.78 4.33 -37.56
N LEU A 532 0.88 4.68 -36.28
CA LEU A 532 0.28 5.90 -35.72
C LEU A 532 1.29 6.94 -35.23
N SER A 533 0.96 8.20 -35.48
CA SER A 533 1.79 9.34 -35.12
C SER A 533 1.69 9.61 -33.63
N GLU A 534 0.70 10.41 -33.24
CA GLU A 534 0.59 10.97 -31.90
C GLU A 534 0.45 9.90 -30.84
N SER A 535 0.80 10.24 -29.60
CA SER A 535 0.79 9.30 -28.48
C SER A 535 -0.63 8.98 -28.02
N ILE A 536 -0.83 7.75 -27.51
CA ILE A 536 -2.18 7.30 -27.19
C ILE A 536 -2.36 6.97 -25.70
N THR A 537 -3.14 7.80 -25.01
CA THR A 537 -3.33 7.66 -23.55
C THR A 537 -4.48 6.73 -23.20
N SER A 538 -5.42 6.61 -24.13
CA SER A 538 -6.57 5.71 -24.05
C SER A 538 -7.26 5.69 -25.41
N GLY A 539 -8.16 4.75 -25.61
CA GLY A 539 -8.76 4.54 -26.90
C GLY A 539 -9.83 3.47 -26.98
N LYS A 540 -10.91 3.76 -27.71
CA LYS A 540 -11.96 2.78 -27.96
C LYS A 540 -12.15 2.63 -29.46
N TRP A 541 -12.48 1.43 -29.91
CA TRP A 541 -12.91 1.28 -31.29
C TRP A 541 -14.39 1.58 -31.37
N VAL A 542 -14.78 2.14 -32.50
CA VAL A 542 -16.18 2.21 -32.89
C VAL A 542 -16.24 1.82 -34.36
N GLY A 543 -16.48 0.53 -34.58
CA GLY A 543 -16.30 -0.10 -35.87
C GLY A 543 -14.84 -0.15 -36.29
N ASP A 544 -14.56 0.50 -37.42
CA ASP A 544 -13.23 0.56 -38.03
C ASP A 544 -12.52 1.84 -37.61
N VAL A 545 -13.16 2.57 -36.71
CA VAL A 545 -12.64 3.85 -36.25
C VAL A 545 -12.04 3.69 -34.86
N PHE A 546 -10.83 4.24 -34.70
CA PHE A 546 -10.13 4.25 -33.43
C PHE A 546 -10.13 5.65 -32.77
N ILE A 547 -10.95 5.80 -31.73
CA ILE A 547 -11.06 7.06 -31.01
C ILE A 547 -10.03 7.10 -29.87
N PHE A 548 -9.22 8.15 -29.79
CA PHE A 548 -8.13 8.14 -28.81
C PHE A 548 -7.70 9.47 -28.20
N THR A 549 -7.16 9.39 -26.99
CA THR A 549 -6.62 10.55 -26.29
C THR A 549 -5.11 10.62 -26.45
N THR A 550 -4.56 11.85 -26.42
CA THR A 550 -3.11 12.02 -26.51
C THR A 550 -2.50 12.66 -25.25
N ALA A 551 -1.18 12.62 -25.14
CA ALA A 551 -0.48 13.23 -24.01
C ALA A 551 -0.45 14.75 -24.14
N THR A 552 -0.93 15.25 -25.29
CA THR A 552 -1.14 16.68 -25.48
C THR A 552 -2.57 16.96 -25.03
N ASN A 553 -3.21 15.91 -24.52
CA ASN A 553 -4.57 15.94 -24.00
C ASN A 553 -5.66 16.02 -25.07
N ARG A 554 -5.23 16.06 -26.33
CA ARG A 554 -6.11 16.17 -27.50
C ARG A 554 -6.89 14.89 -27.77
N LEU A 555 -8.08 15.04 -28.35
CA LEU A 555 -8.91 13.91 -28.72
C LEU A 555 -8.96 13.78 -30.23
N ASN A 556 -8.47 12.63 -30.71
CA ASN A 556 -8.42 12.36 -32.15
C ASN A 556 -9.24 11.17 -32.53
N TYR A 557 -9.48 11.03 -33.83
CA TYR A 557 -9.91 9.74 -34.37
C TYR A 557 -9.06 9.27 -35.56
N PHE A 558 -8.83 7.96 -35.64
CA PHE A 558 -8.00 7.34 -36.67
C PHE A 558 -8.87 6.38 -37.49
N VAL A 559 -8.91 6.57 -38.82
CA VAL A 559 -9.66 5.65 -39.68
C VAL A 559 -9.00 5.45 -41.06
N GLY A 560 -8.46 4.26 -41.29
CA GLY A 560 -7.76 4.00 -42.53
C GLY A 560 -6.55 4.90 -42.74
N GLY A 561 -5.59 4.85 -41.83
CA GLY A 561 -4.31 5.54 -41.99
C GLY A 561 -4.24 7.04 -41.76
N LYS A 562 -5.32 7.64 -41.27
CA LYS A 562 -5.40 9.09 -41.17
C LYS A 562 -5.76 9.52 -39.76
N THR A 563 -4.99 10.46 -39.20
CA THR A 563 -5.31 10.99 -37.88
C THR A 563 -6.01 12.35 -37.94
N TYR A 564 -7.30 12.34 -37.60
CA TYR A 564 -8.11 13.55 -37.55
C TYR A 564 -8.36 13.95 -36.11
N ASN A 565 -7.95 15.17 -35.78
CA ASN A 565 -8.31 15.73 -34.48
C ASN A 565 -9.80 16.09 -34.42
N LEU A 566 -10.41 15.88 -33.27
CA LEU A 566 -11.83 16.07 -33.13
C LEU A 566 -12.12 17.06 -31.98
N ALA A 567 -11.24 17.09 -30.99
CA ALA A 567 -11.35 18.07 -29.92
C ALA A 567 -10.00 18.33 -29.25
N HIS A 568 -9.90 19.45 -28.54
CA HIS A 568 -8.67 19.77 -27.82
C HIS A 568 -8.94 20.16 -26.37
N TYR A 569 -8.96 19.17 -25.49
CA TYR A 569 -9.21 19.39 -24.06
C TYR A 569 -7.96 19.89 -23.33
N THR A 570 -8.15 20.31 -22.08
CA THR A 570 -7.08 21.00 -21.38
C THR A 570 -6.74 20.39 -20.02
N LYS A 571 -7.09 19.12 -19.83
CA LYS A 571 -6.77 18.42 -18.59
C LYS A 571 -6.22 17.05 -18.94
N GLU A 572 -6.03 16.19 -17.95
CA GLU A 572 -5.77 14.78 -18.19
C GLU A 572 -7.11 14.13 -18.45
N MET A 573 -7.37 13.78 -19.70
CA MET A 573 -8.66 13.22 -20.11
C MET A 573 -8.49 11.74 -20.46
N TYR A 574 -9.33 10.89 -19.90
CA TYR A 574 -9.30 9.46 -20.25
C TYR A 574 -10.61 8.96 -20.87
N LEU A 575 -10.49 8.03 -21.80
CA LEU A 575 -11.64 7.52 -22.51
C LEU A 575 -12.33 6.39 -21.75
N LEU A 576 -13.65 6.38 -21.84
CA LEU A 576 -14.48 5.52 -21.01
C LEU A 576 -15.29 4.58 -21.87
N GLY A 577 -15.65 5.05 -23.05
CA GLY A 577 -16.49 4.26 -23.93
C GLY A 577 -17.29 5.08 -24.91
N TYR A 578 -17.95 4.39 -25.82
CA TYR A 578 -18.83 5.00 -26.81
C TYR A 578 -20.24 4.47 -26.68
N LEU A 579 -21.14 5.34 -26.25
CA LEU A 579 -22.55 4.99 -26.28
C LEU A 579 -23.12 5.45 -27.62
N ALA A 580 -23.70 4.47 -28.34
CA ALA A 580 -24.29 4.67 -29.66
C ALA A 580 -25.64 5.38 -29.55
N ARG A 581 -26.37 5.08 -28.48
CA ARG A 581 -27.65 5.72 -28.20
C ARG A 581 -27.50 7.23 -28.23
N ASP A 582 -26.51 7.75 -27.52
CA ASP A 582 -26.29 9.19 -27.46
C ASP A 582 -25.23 9.66 -28.45
N ASN A 583 -24.76 8.74 -29.31
CA ASN A 583 -23.86 9.09 -30.41
C ASN A 583 -22.69 9.82 -29.83
N LYS A 584 -22.39 9.43 -28.60
CA LYS A 584 -21.59 10.21 -27.69
C LYS A 584 -20.48 9.31 -27.19
N VAL A 585 -19.30 9.88 -27.10
CA VAL A 585 -18.16 9.26 -26.43
C VAL A 585 -18.04 9.90 -25.04
N TYR A 586 -17.64 9.13 -24.03
CA TYR A 586 -17.55 9.67 -22.67
C TYR A 586 -16.15 9.70 -22.06
N LEU A 587 -15.81 10.82 -21.42
CA LEU A 587 -14.47 11.02 -20.88
C LEU A 587 -14.41 11.25 -19.37
N ALA A 588 -13.26 10.95 -18.77
CA ALA A 588 -13.07 11.14 -17.33
C ALA A 588 -11.74 11.86 -16.99
N ASP A 589 -11.81 12.84 -16.10
CA ASP A 589 -10.62 13.55 -15.67
C ASP A 589 -10.06 13.04 -14.34
N ARG A 590 -8.94 13.60 -13.93
CA ARG A 590 -8.25 13.15 -12.73
C ARG A 590 -9.15 13.10 -11.49
N GLU A 591 -10.30 13.79 -11.56
CA GLU A 591 -11.23 13.85 -10.43
C GLU A 591 -12.53 13.11 -10.68
N VAL A 592 -12.52 12.21 -11.66
CA VAL A 592 -13.69 11.40 -11.96
C VAL A 592 -14.93 12.23 -12.40
N HIS A 593 -14.74 13.49 -12.72
CA HIS A 593 -15.83 14.26 -13.34
C HIS A 593 -16.05 13.75 -14.76
N VAL A 594 -17.24 13.24 -15.06
CA VAL A 594 -17.51 12.70 -16.41
C VAL A 594 -17.98 13.75 -17.43
N TYR A 595 -17.33 13.77 -18.60
CA TYR A 595 -17.70 14.65 -19.72
C TYR A 595 -18.27 13.85 -20.89
N GLY A 596 -19.03 14.52 -21.76
CA GLY A 596 -19.56 13.88 -22.96
C GLY A 596 -19.27 14.63 -24.26
N TYR A 597 -18.80 13.91 -25.27
CA TYR A 597 -18.51 14.55 -26.54
C TYR A 597 -19.24 13.86 -27.69
N GLU A 598 -19.82 14.66 -28.58
CA GLU A 598 -20.70 14.14 -29.63
C GLU A 598 -19.96 13.96 -30.95
N ILE A 599 -20.23 12.86 -31.65
CA ILE A 599 -19.44 12.52 -32.84
C ILE A 599 -20.25 12.20 -34.10
N SER A 600 -20.15 13.09 -35.09
CA SER A 600 -20.69 12.83 -36.43
C SER A 600 -19.96 13.65 -37.50
N LEU A 601 -19.86 13.08 -38.70
CA LEU A 601 -18.94 13.53 -39.77
C LEU A 601 -18.84 15.04 -40.01
N CYS B 1 3.84 24.46 38.50
CA CYS B 1 4.61 23.55 39.33
C CYS B 1 6.05 23.41 38.82
N THR B 2 6.99 23.41 39.76
CA THR B 2 8.41 23.37 39.44
C THR B 2 8.82 21.98 38.90
N PHE B 3 8.16 20.94 39.36
CA PHE B 3 8.53 19.58 38.98
C PHE B 3 7.37 18.73 38.44
N LYS B 4 7.42 18.45 37.15
CA LYS B 4 6.65 17.35 36.60
C LYS B 4 7.54 16.15 36.77
N THR B 5 6.94 14.96 36.72
CA THR B 5 7.61 13.73 37.11
C THR B 5 7.26 12.65 36.09
N LYS B 6 8.22 12.30 35.24
CA LYS B 6 7.94 11.39 34.14
C LYS B 6 7.72 9.99 34.66
N THR B 7 6.74 9.85 35.55
CA THR B 7 6.36 8.59 36.14
C THR B 7 5.02 8.25 35.47
N ASN B 8 4.56 9.20 34.66
CA ASN B 8 3.61 9.00 33.54
C ASN B 8 2.13 9.35 33.80
#